data_4C4C
#
_entry.id   4C4C
#
_cell.length_a   82.820
_cell.length_b   83.030
_cell.length_c   110.500
_cell.angle_alpha   90.00
_cell.angle_beta   90.00
_cell.angle_gamma   90.00
#
_symmetry.space_group_name_H-M   'I 2 2 2'
#
loop_
_entity.id
_entity.type
_entity.pdbx_description
1 polymer 'CELLULOSE 1,4-BETA-CELLOBIOSIDASE'
2 branched beta-D-glucopyranose-(1-4)-beta-D-glucopyranose-(1-4)-beta-D-glucopyranose-(1-4)-beta-D-glucopyranose-(1-4)-beta-D-glucopyranose-(1-4)-beta-D-glucopyranose-(1-4)-beta-D-glucopyranose-(1-4)-beta-D-glucopyranose-(1-4)-beta-D-glucopyranose
3 non-polymer 'COBALT (II) ION'
4 non-polymer 2-acetamido-2-deoxy-beta-D-glucopyranose
5 non-polymer DI(HYDROXYETHYL)ETHER
6 water water
#
_entity_poly.entity_id   1
_entity_poly.type   'polypeptide(L)'
_entity_poly.pdbx_seq_one_letter_code
;(PCA)SACTLQSETHPPLTWQKCSSGGTCTQQTGSVVIDANWRWTHATNSSTNCYDGNTWSSTLCPDNETCAKNCCLDGA
AYASTYGVTTSGNSLSIDFVTQSAQKNVGARLYLMASDTTYQEFTLLGNEFSFDVDVSQLPCGLNGALYFVSMDADGGVS
KYPTNTAGAKYGTGYCDSQCPRDLKFINGQANVEGWEPSSNNANTGIGGHGSCCSEMDIWQANSISEALTPHPCTTVGQE
ICEGDGCGGTYSDNRYGGTCDPDGCDWNPYRLGNTSFYGPGSSFTLDTTKKLTVVTQFETSGAINRYYVQNGVTFQQPNA
ELGSYSGNELNDDYCTAEEAEFGGSSFSDKGGLTQFKKATSGGMVLVMSLWDDYYANMLWLDSTYPTNETSSTPGAVRGS
CSTSSGVPAQVESQSPNAKVTFSNIKFGPIGSTGNPSG
;
_entity_poly.pdbx_strand_id   A
#
# COMPACT_ATOMS: atom_id res chain seq x y z
N SER A 2 -15.71 1.77 -18.67
CA SER A 2 -16.31 0.41 -18.78
C SER A 2 -15.23 -0.66 -18.79
N ALA A 3 -15.66 -1.91 -18.93
CA ALA A 3 -14.73 -3.04 -19.03
C ALA A 3 -14.78 -3.62 -20.43
N CYS A 4 -13.61 -4.03 -20.92
CA CYS A 4 -13.50 -4.76 -22.18
C CYS A 4 -12.86 -6.12 -21.91
N THR A 5 -13.01 -7.03 -22.86
CA THR A 5 -12.61 -8.42 -22.66
C THR A 5 -11.75 -8.99 -23.79
N LEU A 6 -10.95 -8.15 -24.42
CA LEU A 6 -9.99 -8.64 -25.40
C LEU A 6 -8.97 -9.56 -24.73
N GLN A 7 -8.66 -9.27 -23.46
CA GLN A 7 -7.91 -10.19 -22.60
C GLN A 7 -8.83 -10.57 -21.43
N SER A 8 -8.98 -11.86 -21.19
CA SER A 8 -9.83 -12.33 -20.10
C SER A 8 -9.24 -11.94 -18.75
N GLU A 9 -10.12 -11.76 -17.78
CA GLU A 9 -9.73 -11.38 -16.43
C GLU A 9 -10.01 -12.53 -15.47
N THR A 10 -8.95 -13.21 -15.05
CA THR A 10 -9.05 -14.30 -14.10
C THR A 10 -8.22 -13.94 -12.88
N HIS A 11 -8.89 -13.62 -11.79
CA HIS A 11 -8.20 -13.21 -10.56
C HIS A 11 -7.49 -14.39 -9.94
N PRO A 12 -6.17 -14.27 -9.70
CA PRO A 12 -5.50 -15.38 -9.03
C PRO A 12 -6.15 -15.67 -7.67
N PRO A 13 -6.53 -16.93 -7.41
CA PRO A 13 -7.16 -17.22 -6.11
CA PRO A 13 -7.16 -17.25 -6.11
C PRO A 13 -6.19 -17.07 -4.95
N LEU A 14 -6.73 -16.74 -3.78
CA LEU A 14 -5.94 -16.62 -2.56
C LEU A 14 -6.82 -16.97 -1.39
N THR A 15 -6.37 -17.91 -0.56
CA THR A 15 -7.11 -18.27 0.64
C THR A 15 -6.54 -17.55 1.84
N TRP A 16 -7.37 -17.41 2.87
CA TRP A 16 -6.97 -16.82 4.13
C TRP A 16 -7.81 -17.40 5.22
N GLN A 17 -7.42 -17.20 6.47
CA GLN A 17 -8.13 -17.80 7.59
C GLN A 17 -8.92 -16.76 8.36
N LYS A 18 -10.17 -17.07 8.64
CA LYS A 18 -10.99 -16.28 9.55
C LYS A 18 -11.03 -17.03 10.88
N CYS A 19 -10.50 -16.40 11.93
CA CYS A 19 -10.41 -17.06 13.21
C CYS A 19 -11.47 -16.55 14.17
N SER A 20 -11.82 -17.40 15.12
CA SER A 20 -12.89 -17.12 16.07
CA SER A 20 -12.87 -17.12 16.08
C SER A 20 -12.34 -17.06 17.50
N SER A 21 -13.03 -16.30 18.35
CA SER A 21 -12.65 -16.20 19.76
C SER A 21 -12.66 -17.57 20.45
N GLY A 22 -13.50 -18.47 19.95
CA GLY A 22 -13.62 -19.83 20.50
C GLY A 22 -12.43 -20.73 20.23
N GLY A 23 -11.47 -20.26 19.45
CA GLY A 23 -10.20 -20.97 19.32
C GLY A 23 -9.96 -21.72 18.03
N THR A 24 -10.89 -21.63 17.09
CA THR A 24 -10.73 -22.29 15.81
C THR A 24 -10.67 -21.28 14.67
N CYS A 25 -10.10 -21.71 13.54
CA CYS A 25 -10.03 -20.89 12.34
C CYS A 25 -10.66 -21.65 11.18
N THR A 26 -11.28 -20.91 10.27
CA THR A 26 -11.93 -21.48 9.11
C THR A 26 -11.39 -20.83 7.85
N GLN A 27 -11.04 -21.64 6.87
CA GLN A 27 -10.52 -21.13 5.62
C GLN A 27 -11.57 -20.39 4.79
N GLN A 28 -11.15 -19.25 4.26
CA GLN A 28 -11.93 -18.45 3.32
C GLN A 28 -11.24 -18.49 1.97
N THR A 29 -12.03 -18.40 0.90
CA THR A 29 -11.46 -18.36 -0.43
C THR A 29 -11.79 -17.04 -1.11
N GLY A 30 -10.73 -16.29 -1.42
CA GLY A 30 -10.87 -15.05 -2.17
C GLY A 30 -9.98 -15.10 -3.40
N SER A 31 -9.57 -13.93 -3.84
CA SER A 31 -8.69 -13.81 -5.01
C SER A 31 -8.09 -12.41 -4.97
N VAL A 32 -7.15 -12.15 -5.86
CA VAL A 32 -6.55 -10.81 -5.93
C VAL A 32 -6.78 -10.19 -7.30
N VAL A 33 -6.92 -8.86 -7.31
CA VAL A 33 -7.14 -8.11 -8.54
C VAL A 33 -6.12 -6.97 -8.64
N ILE A 34 -5.58 -6.75 -9.83
CA ILE A 34 -4.62 -5.67 -10.03
C ILE A 34 -5.34 -4.34 -10.25
N ASP A 35 -4.74 -3.29 -9.67
CA ASP A 35 -5.22 -1.93 -9.80
C ASP A 35 -5.33 -1.49 -11.26
N ALA A 36 -6.38 -0.71 -11.53
CA ALA A 36 -6.68 -0.24 -12.88
C ALA A 36 -5.54 0.49 -13.59
N ASN A 37 -4.66 1.15 -12.85
CA ASN A 37 -3.54 1.89 -13.47
C ASN A 37 -2.58 1.00 -14.28
N TRP A 38 -2.52 -0.28 -13.94
CA TRP A 38 -1.63 -1.22 -14.61
C TRP A 38 -2.17 -1.70 -15.91
N ARG A 39 -3.46 -1.45 -16.15
CA ARG A 39 -4.17 -2.09 -17.25
C ARG A 39 -4.04 -1.36 -18.58
N TRP A 40 -4.36 -2.07 -19.65
CA TRP A 40 -4.57 -1.47 -20.94
C TRP A 40 -5.88 -0.73 -20.91
N THR A 41 -5.83 0.56 -21.23
CA THR A 41 -7.02 1.38 -21.36
C THR A 41 -7.20 1.69 -22.84
N HIS A 42 -8.31 1.25 -23.42
CA HIS A 42 -8.55 1.43 -24.85
C HIS A 42 -9.97 1.80 -25.22
N ALA A 43 -10.17 2.21 -26.47
CA ALA A 43 -11.50 2.56 -26.97
C ALA A 43 -12.42 1.35 -26.85
N THR A 44 -13.69 1.60 -26.52
CA THR A 44 -14.62 0.50 -26.25
C THR A 44 -14.86 -0.41 -27.46
N ASN A 45 -14.74 0.15 -28.66
CA ASN A 45 -15.02 -0.63 -29.87
C ASN A 45 -13.83 -0.79 -30.83
N SER A 46 -12.62 -0.68 -30.28
CA SER A 46 -11.40 -0.95 -31.04
C SER A 46 -10.26 -1.31 -30.09
N SER A 47 -9.05 -1.44 -30.64
CA SER A 47 -7.86 -1.72 -29.83
CA SER A 47 -7.86 -1.72 -29.83
C SER A 47 -7.00 -0.47 -29.69
N THR A 48 -7.54 0.68 -30.07
CA THR A 48 -6.83 1.95 -29.97
C THR A 48 -6.75 2.40 -28.51
N ASN A 49 -5.52 2.59 -28.03
CA ASN A 49 -5.29 3.02 -26.65
C ASN A 49 -5.92 4.37 -26.36
N CYS A 50 -6.46 4.50 -25.15
CA CYS A 50 -6.88 5.80 -24.64
C CYS A 50 -5.74 6.48 -23.90
N TYR A 51 -4.81 5.67 -23.41
CA TYR A 51 -3.64 6.13 -22.70
C TYR A 51 -2.48 5.28 -23.17
N ASP A 52 -1.34 5.92 -23.41
CA ASP A 52 -0.16 5.22 -23.89
C ASP A 52 1.05 6.04 -23.47
N GLY A 53 2.15 5.37 -23.13
CA GLY A 53 3.30 6.08 -22.58
C GLY A 53 2.86 6.89 -21.37
N ASN A 54 3.04 8.21 -21.43
CA ASN A 54 2.65 9.08 -20.33
C ASN A 54 1.55 10.07 -20.70
N THR A 55 0.86 9.80 -21.81
CA THR A 55 -0.11 10.75 -22.32
CA THR A 55 -0.07 10.75 -22.44
C THR A 55 -1.43 10.11 -22.73
N TRP A 56 -2.48 10.91 -22.62
CA TRP A 56 -3.81 10.52 -23.05
C TRP A 56 -4.03 10.83 -24.49
N SER A 57 -4.85 10.00 -25.15
CA SER A 57 -5.32 10.29 -26.49
C SER A 57 -6.14 11.59 -26.48
N SER A 58 -5.71 12.59 -27.25
CA SER A 58 -6.42 13.87 -27.26
C SER A 58 -7.77 13.81 -27.98
N THR A 59 -7.95 12.80 -28.82
CA THR A 59 -9.20 12.60 -29.54
C THR A 59 -10.20 11.76 -28.76
N LEU A 60 -9.74 10.63 -28.21
CA LEU A 60 -10.61 9.78 -27.40
C LEU A 60 -10.91 10.40 -26.04
N CYS A 61 -9.96 11.19 -25.54
CA CYS A 61 -10.05 11.76 -24.20
C CYS A 61 -9.84 13.27 -24.15
N PRO A 62 -10.76 14.04 -24.78
CA PRO A 62 -10.62 15.49 -24.79
C PRO A 62 -11.02 16.12 -23.46
N ASP A 63 -11.73 15.36 -22.64
CA ASP A 63 -12.15 15.80 -21.31
C ASP A 63 -12.44 14.55 -20.48
N ASN A 64 -12.58 14.73 -19.17
CA ASN A 64 -12.71 13.60 -18.25
C ASN A 64 -13.94 12.71 -18.52
N GLU A 65 -15.06 13.33 -18.85
CA GLU A 65 -16.31 12.62 -19.05
C GLU A 65 -16.34 11.88 -20.39
N THR A 66 -15.94 12.58 -21.45
CA THR A 66 -15.91 11.97 -22.77
C THR A 66 -14.94 10.78 -22.79
N CYS A 67 -13.79 10.95 -22.13
CA CYS A 67 -12.81 9.89 -22.01
C CYS A 67 -13.38 8.63 -21.37
N ALA A 68 -14.08 8.80 -20.24
CA ALA A 68 -14.68 7.66 -19.53
C ALA A 68 -15.76 6.97 -20.35
N LYS A 69 -16.51 7.74 -21.14
CA LYS A 69 -17.52 7.17 -22.03
C LYS A 69 -16.87 6.38 -23.16
N ASN A 70 -15.76 6.91 -23.69
CA ASN A 70 -15.10 6.31 -24.84
C ASN A 70 -14.21 5.12 -24.53
N CYS A 71 -13.82 4.99 -23.26
CA CYS A 71 -12.72 4.09 -22.90
C CYS A 71 -13.10 3.01 -21.93
N CYS A 72 -12.37 1.90 -22.02
CA CYS A 72 -12.56 0.76 -21.13
C CYS A 72 -11.22 0.24 -20.62
N LEU A 73 -11.29 -0.45 -19.49
CA LEU A 73 -10.17 -1.20 -18.94
C LEU A 73 -10.27 -2.64 -19.41
N ASP A 74 -9.15 -3.25 -19.75
CA ASP A 74 -9.16 -4.63 -20.20
C ASP A 74 -8.53 -5.57 -19.17
N GLY A 75 -8.60 -6.87 -19.44
CA GLY A 75 -8.09 -7.88 -18.53
C GLY A 75 -6.58 -7.90 -18.43
N ALA A 76 -6.07 -8.60 -17.41
CA ALA A 76 -4.66 -8.66 -17.10
C ALA A 76 -4.16 -10.10 -17.15
N ALA A 77 -3.00 -10.32 -17.78
CA ALA A 77 -2.33 -11.60 -17.72
C ALA A 77 -1.41 -11.55 -16.51
N TYR A 78 -1.90 -12.06 -15.38
CA TYR A 78 -1.27 -11.83 -14.08
C TYR A 78 0.18 -12.29 -13.99
N ALA A 79 0.46 -13.52 -14.41
CA ALA A 79 1.81 -14.04 -14.34
C ALA A 79 2.72 -13.48 -15.44
N SER A 80 2.28 -13.58 -16.68
CA SER A 80 3.15 -13.24 -17.81
C SER A 80 3.40 -11.74 -17.99
N THR A 81 2.39 -10.92 -17.69
CA THR A 81 2.58 -9.47 -17.80
C THR A 81 3.03 -8.86 -16.47
N TYR A 82 2.42 -9.30 -15.37
CA TYR A 82 2.57 -8.57 -14.11
C TYR A 82 3.41 -9.26 -13.04
N GLY A 83 3.84 -10.49 -13.30
CA GLY A 83 4.67 -11.24 -12.36
C GLY A 83 3.98 -11.50 -11.03
N VAL A 84 2.66 -11.67 -11.09
CA VAL A 84 1.85 -11.93 -9.90
C VAL A 84 1.37 -13.37 -9.97
N THR A 85 1.70 -14.13 -8.94
CA THR A 85 1.26 -15.52 -8.85
C THR A 85 0.74 -15.81 -7.45
N THR A 86 -0.14 -16.81 -7.35
CA THR A 86 -0.58 -17.28 -6.05
C THR A 86 -0.54 -18.79 -6.00
N SER A 87 -0.43 -19.30 -4.78
CA SER A 87 -0.51 -20.73 -4.51
C SER A 87 -1.12 -20.90 -3.13
N GLY A 88 -2.37 -21.37 -3.09
CA GLY A 88 -3.05 -21.56 -1.82
C GLY A 88 -3.17 -20.28 -1.05
N ASN A 89 -2.46 -20.19 0.08
CA ASN A 89 -2.51 -19.00 0.91
C ASN A 89 -1.38 -18.03 0.66
N SER A 90 -0.61 -18.26 -0.41
CA SER A 90 0.57 -17.47 -0.69
C SER A 90 0.45 -16.63 -1.96
N LEU A 91 0.96 -15.40 -1.88
CA LEU A 91 0.97 -14.46 -3.00
C LEU A 91 2.40 -13.96 -3.22
N SER A 92 2.88 -14.07 -4.46
CA SER A 92 4.19 -13.54 -4.83
C SER A 92 4.08 -12.44 -5.87
N ILE A 93 4.85 -11.38 -5.69
CA ILE A 93 4.92 -10.29 -6.66
C ILE A 93 6.37 -10.08 -7.08
N ASP A 94 6.66 -10.25 -8.36
CA ASP A 94 7.99 -10.00 -8.90
C ASP A 94 8.19 -8.51 -9.13
N PHE A 95 9.45 -8.07 -9.03
CA PHE A 95 9.76 -6.64 -9.19
C PHE A 95 9.69 -6.18 -10.65
N VAL A 96 10.53 -6.74 -11.52
CA VAL A 96 10.49 -6.37 -12.94
C VAL A 96 10.08 -7.58 -13.77
N THR A 97 9.02 -7.41 -14.57
CA THR A 97 8.59 -8.45 -15.50
C THR A 97 8.65 -7.89 -16.91
N GLN A 98 9.33 -8.61 -17.78
CA GLN A 98 9.43 -8.23 -19.18
C GLN A 98 8.47 -9.03 -20.04
N SER A 99 7.56 -8.35 -20.73
CA SER A 99 6.74 -8.97 -21.76
C SER A 99 6.84 -8.09 -23.01
N ALA A 100 5.70 -7.75 -23.63
CA ALA A 100 5.69 -6.79 -24.75
C ALA A 100 6.38 -5.49 -24.33
N GLN A 101 6.19 -5.13 -23.06
CA GLN A 101 6.93 -4.04 -22.44
CA GLN A 101 6.93 -4.04 -22.44
C GLN A 101 7.29 -4.40 -21.00
N LYS A 102 8.00 -3.49 -20.34
CA LYS A 102 8.45 -3.70 -18.98
C LYS A 102 7.31 -3.38 -18.01
N ASN A 103 7.19 -4.19 -16.95
CA ASN A 103 6.30 -3.89 -15.84
C ASN A 103 7.06 -3.87 -14.53
N VAL A 104 6.74 -2.92 -13.66
CA VAL A 104 7.35 -2.85 -12.34
C VAL A 104 6.32 -3.09 -11.23
N GLY A 105 6.44 -4.23 -10.57
CA GLY A 105 5.61 -4.56 -9.42
C GLY A 105 4.12 -4.56 -9.70
N ALA A 106 3.34 -4.32 -8.66
CA ALA A 106 1.89 -4.43 -8.75
C ALA A 106 1.29 -3.80 -7.51
N ARG A 107 0.00 -3.47 -7.59
CA ARG A 107 -0.81 -3.15 -6.43
C ARG A 107 -2.07 -3.98 -6.59
N LEU A 108 -2.36 -4.77 -5.55
CA LEU A 108 -3.39 -5.81 -5.60
C LEU A 108 -4.38 -5.66 -4.45
N TYR A 109 -5.65 -5.95 -4.72
CA TYR A 109 -6.69 -5.91 -3.68
C TYR A 109 -7.27 -7.28 -3.48
N LEU A 110 -7.56 -7.61 -2.22
CA LEU A 110 -8.19 -8.89 -1.92
C LEU A 110 -9.68 -8.82 -2.20
N MET A 111 -10.17 -9.78 -2.97
CA MET A 111 -11.57 -9.80 -3.38
CA MET A 111 -11.57 -9.84 -3.41
C MET A 111 -12.40 -10.77 -2.54
N ALA A 112 -13.70 -10.46 -2.45
CA ALA A 112 -14.68 -11.34 -1.81
C ALA A 112 -15.36 -12.21 -2.88
N SER A 113 -15.62 -11.62 -4.04
CA SER A 113 -16.18 -12.32 -5.18
C SER A 113 -15.46 -11.72 -6.36
N ASP A 114 -15.74 -12.24 -7.56
CA ASP A 114 -15.03 -11.72 -8.71
CA ASP A 114 -15.15 -11.77 -8.80
C ASP A 114 -15.41 -10.28 -9.05
N THR A 115 -16.40 -9.73 -8.37
CA THR A 115 -16.84 -8.37 -8.65
C THR A 115 -16.87 -7.43 -7.44
N THR A 116 -16.38 -7.89 -6.29
CA THR A 116 -16.43 -7.10 -5.06
C THR A 116 -15.17 -7.30 -4.22
N TYR A 117 -14.75 -6.23 -3.56
CA TYR A 117 -13.63 -6.32 -2.61
C TYR A 117 -14.07 -6.89 -1.28
N GLN A 118 -13.16 -7.62 -0.63
CA GLN A 118 -13.35 -8.05 0.74
C GLN A 118 -13.17 -6.84 1.66
N GLU A 119 -14.07 -6.67 2.62
CA GLU A 119 -13.93 -5.61 3.61
C GLU A 119 -13.61 -6.26 4.96
N PHE A 120 -12.73 -5.60 5.71
CA PHE A 120 -12.34 -6.04 7.04
C PHE A 120 -12.61 -4.92 8.03
N THR A 121 -13.20 -5.27 9.16
CA THR A 121 -13.37 -4.34 10.27
C THR A 121 -12.23 -4.61 11.24
N LEU A 122 -11.26 -3.71 11.26
CA LEU A 122 -10.04 -3.96 12.04
C LEU A 122 -10.22 -3.80 13.54
N LEU A 123 -11.06 -2.85 13.96
CA LEU A 123 -11.18 -2.54 15.39
C LEU A 123 -11.66 -3.75 16.19
N GLY A 124 -10.91 -4.05 17.26
CA GLY A 124 -11.19 -5.21 18.12
C GLY A 124 -10.58 -6.49 17.60
N ASN A 125 -9.99 -6.42 16.41
CA ASN A 125 -9.45 -7.59 15.75
C ASN A 125 -7.95 -7.50 15.55
N GLU A 126 -7.37 -8.62 15.11
CA GLU A 126 -5.97 -8.66 14.76
C GLU A 126 -5.80 -9.28 13.40
N PHE A 127 -4.70 -8.92 12.75
CA PHE A 127 -4.36 -9.37 11.43
C PHE A 127 -2.97 -9.95 11.51
N SER A 128 -2.81 -11.18 11.04
CA SER A 128 -1.54 -11.88 11.05
C SER A 128 -1.19 -12.29 9.63
N PHE A 129 0.09 -12.19 9.28
CA PHE A 129 0.56 -12.70 8.01
C PHE A 129 2.03 -13.08 8.13
N ASP A 130 2.45 -13.93 7.21
CA ASP A 130 3.84 -14.29 7.03
C ASP A 130 4.39 -13.53 5.83
N VAL A 131 5.65 -13.14 5.92
CA VAL A 131 6.29 -12.44 4.82
C VAL A 131 7.73 -12.89 4.63
N ASP A 132 8.14 -12.97 3.37
CA ASP A 132 9.52 -13.18 3.01
C ASP A 132 9.98 -11.91 2.31
N VAL A 133 10.85 -11.16 2.99
CA VAL A 133 11.39 -9.90 2.48
C VAL A 133 12.84 -10.07 2.03
N SER A 134 13.32 -11.31 2.02
CA SER A 134 14.75 -11.57 1.76
C SER A 134 15.22 -11.05 0.42
N GLN A 135 14.32 -11.00 -0.56
CA GLN A 135 14.67 -10.55 -1.90
C GLN A 135 14.28 -9.10 -2.16
N LEU A 136 14.21 -8.30 -1.09
CA LEU A 136 13.91 -6.88 -1.19
C LEU A 136 15.08 -6.03 -0.72
N PRO A 137 15.88 -5.52 -1.67
CA PRO A 137 16.99 -4.66 -1.30
C PRO A 137 16.57 -3.23 -1.00
N CYS A 138 17.53 -2.40 -0.63
CA CYS A 138 17.32 -0.96 -0.49
C CYS A 138 16.52 -0.39 -1.64
N GLY A 139 15.56 0.48 -1.33
CA GLY A 139 14.84 1.19 -2.38
C GLY A 139 13.51 0.56 -2.79
N LEU A 140 13.27 -0.67 -2.33
CA LEU A 140 12.02 -1.38 -2.63
C LEU A 140 11.11 -1.41 -1.41
N ASN A 141 9.81 -1.55 -1.67
CA ASN A 141 8.82 -1.58 -0.62
C ASN A 141 7.78 -2.63 -0.96
N GLY A 142 7.77 -3.72 -0.18
CA GLY A 142 6.70 -4.69 -0.20
C GLY A 142 5.74 -4.27 0.88
N ALA A 143 4.54 -3.87 0.48
CA ALA A 143 3.58 -3.28 1.41
C ALA A 143 2.33 -4.10 1.54
N LEU A 144 1.82 -4.17 2.76
CA LEU A 144 0.54 -4.77 3.06
C LEU A 144 -0.18 -3.76 3.93
N TYR A 145 -1.36 -3.35 3.51
CA TYR A 145 -2.06 -2.27 4.18
C TYR A 145 -3.54 -2.28 3.87
N PHE A 146 -4.26 -1.40 4.56
CA PHE A 146 -5.70 -1.28 4.42
C PHE A 146 -6.09 0.13 4.03
N VAL A 147 -7.09 0.25 3.19
CA VAL A 147 -7.63 1.56 2.82
C VAL A 147 -9.16 1.53 2.81
N SER A 148 -9.77 2.66 3.11
CA SER A 148 -11.23 2.75 3.18
C SER A 148 -11.87 2.92 1.79
N MET A 149 -11.71 1.90 0.96
CA MET A 149 -12.31 1.82 -0.37
C MET A 149 -13.73 1.25 -0.33
N ASP A 150 -14.55 1.65 -1.30
CA ASP A 150 -15.88 1.06 -1.51
C ASP A 150 -15.74 -0.38 -1.98
N ALA A 151 -16.61 -1.26 -1.50
CA ALA A 151 -16.54 -2.68 -1.86
C ALA A 151 -16.76 -2.94 -3.34
N ASP A 152 -17.52 -2.05 -4.00
CA ASP A 152 -17.77 -2.19 -5.43
C ASP A 152 -16.79 -1.42 -6.31
N GLY A 153 -15.78 -0.79 -5.70
CA GLY A 153 -14.81 -0.01 -6.45
C GLY A 153 -15.34 1.31 -6.99
N GLY A 154 -16.50 1.74 -6.48
CA GLY A 154 -17.07 3.04 -6.82
C GLY A 154 -18.28 3.04 -7.74
N VAL A 155 -18.70 1.87 -8.21
CA VAL A 155 -19.75 1.76 -9.23
C VAL A 155 -21.09 2.37 -8.78
N SER A 156 -21.51 2.09 -7.56
CA SER A 156 -22.84 2.54 -7.13
C SER A 156 -22.90 4.06 -7.05
N LYS A 157 -21.79 4.68 -6.65
CA LYS A 157 -21.74 6.13 -6.53
C LYS A 157 -21.51 6.82 -7.86
N TYR A 158 -20.79 6.16 -8.77
CA TYR A 158 -20.40 6.75 -10.05
C TYR A 158 -20.69 5.77 -11.19
N PRO A 159 -21.94 5.76 -11.69
CA PRO A 159 -22.38 4.76 -12.66
C PRO A 159 -21.64 4.79 -14.00
N THR A 160 -20.88 5.85 -14.26
CA THR A 160 -20.03 5.92 -15.46
C THR A 160 -18.77 5.04 -15.30
N ASN A 161 -18.55 4.54 -14.08
CA ASN A 161 -17.64 3.44 -13.84
C ASN A 161 -18.46 2.17 -13.80
N THR A 162 -18.39 1.38 -14.86
CA THR A 162 -19.04 0.07 -14.86
C THR A 162 -18.05 -1.08 -14.75
N ALA A 163 -16.75 -0.76 -14.76
CA ALA A 163 -15.71 -1.77 -14.64
C ALA A 163 -15.61 -2.31 -13.21
N GLY A 164 -15.57 -1.40 -12.25
CA GLY A 164 -15.64 -1.75 -10.83
C GLY A 164 -14.48 -2.51 -10.24
N ALA A 165 -14.73 -3.13 -9.10
CA ALA A 165 -13.75 -3.92 -8.38
C ALA A 165 -13.12 -5.04 -9.23
N LYS A 166 -13.89 -5.63 -10.13
CA LYS A 166 -13.40 -6.68 -11.00
CA LYS A 166 -13.40 -6.67 -11.01
C LYS A 166 -12.17 -6.23 -11.79
N TYR A 167 -12.07 -4.93 -12.05
CA TYR A 167 -10.96 -4.35 -12.81
C TYR A 167 -10.11 -3.42 -11.96
N GLY A 168 -10.27 -3.53 -10.65
CA GLY A 168 -9.40 -2.83 -9.71
C GLY A 168 -9.59 -1.32 -9.70
N THR A 169 -10.83 -0.86 -9.84
CA THR A 169 -11.12 0.58 -9.75
C THR A 169 -11.30 1.02 -8.30
N GLY A 170 -11.33 2.34 -8.09
CA GLY A 170 -11.74 2.91 -6.81
C GLY A 170 -10.68 3.09 -5.76
N TYR A 171 -9.40 2.93 -6.13
CA TYR A 171 -8.32 3.09 -5.17
C TYR A 171 -8.31 4.48 -4.56
N CYS A 172 -7.92 4.52 -3.29
CA CYS A 172 -7.68 5.77 -2.59
C CYS A 172 -6.65 5.46 -1.53
N ASP A 173 -5.89 6.46 -1.12
CA ASP A 173 -5.07 6.33 0.08
C ASP A 173 -4.81 7.71 0.68
N SER A 174 -3.99 7.77 1.71
CA SER A 174 -3.80 9.03 2.44
C SER A 174 -2.94 10.03 1.69
N GLN A 175 -2.36 9.62 0.56
CA GLN A 175 -1.67 10.57 -0.31
C GLN A 175 -2.63 11.33 -1.21
N CYS A 176 -3.90 10.95 -1.20
CA CYS A 176 -4.88 11.50 -2.13
C CYS A 176 -4.32 11.43 -3.56
N PRO A 177 -3.88 10.23 -3.99
CA PRO A 177 -3.06 10.11 -5.21
C PRO A 177 -3.72 10.67 -6.46
N ARG A 178 -2.94 11.46 -7.20
CA ARG A 178 -3.40 12.12 -8.42
C ARG A 178 -2.85 11.45 -9.67
N ASP A 179 -2.12 10.35 -9.49
CA ASP A 179 -1.56 9.60 -10.62
C ASP A 179 -2.57 8.63 -11.21
N LEU A 180 -3.70 8.46 -10.54
CA LEU A 180 -4.73 7.51 -10.98
C LEU A 180 -5.40 8.02 -12.26
N LYS A 181 -5.60 7.12 -13.20
CA LYS A 181 -6.13 7.50 -14.50
C LYS A 181 -7.65 7.65 -14.52
N PHE A 182 -8.32 6.93 -13.62
CA PHE A 182 -9.77 7.08 -13.44
C PHE A 182 -10.09 7.26 -11.97
N ILE A 183 -10.86 8.30 -11.67
CA ILE A 183 -11.36 8.56 -10.32
C ILE A 183 -12.82 8.97 -10.46
N ASN A 184 -13.67 8.35 -9.65
CA ASN A 184 -15.10 8.65 -9.61
C ASN A 184 -15.78 8.54 -10.97
N GLY A 185 -15.44 7.50 -11.73
CA GLY A 185 -16.09 7.24 -13.02
C GLY A 185 -15.78 8.27 -14.08
N GLN A 186 -14.72 9.05 -13.86
CA GLN A 186 -14.25 10.06 -14.80
CA GLN A 186 -14.24 10.02 -14.83
C GLN A 186 -12.76 9.79 -15.06
N ALA A 187 -12.28 10.08 -16.26
CA ALA A 187 -10.84 10.01 -16.47
C ALA A 187 -10.17 11.15 -15.70
N ASN A 188 -8.85 11.16 -15.69
CA ASN A 188 -8.09 12.20 -14.99
C ASN A 188 -7.21 12.95 -16.00
N VAL A 189 -7.66 13.00 -17.25
CA VAL A 189 -6.92 13.67 -18.33
C VAL A 189 -6.83 15.18 -18.16
N GLU A 190 -7.86 15.79 -17.57
CA GLU A 190 -7.85 17.23 -17.37
C GLU A 190 -6.78 17.61 -16.36
N GLY A 191 -5.86 18.48 -16.77
CA GLY A 191 -4.72 18.88 -15.94
C GLY A 191 -3.55 17.91 -15.96
N TRP A 192 -3.60 16.90 -16.83
CA TRP A 192 -2.55 15.87 -16.86
C TRP A 192 -1.20 16.45 -17.18
N GLU A 193 -0.24 16.13 -16.32
CA GLU A 193 1.15 16.46 -16.55
C GLU A 193 1.98 15.20 -16.44
N PRO A 194 2.71 14.85 -17.52
CA PRO A 194 3.56 13.66 -17.46
C PRO A 194 4.65 13.81 -16.40
N SER A 195 5.04 12.71 -15.78
CA SER A 195 6.13 12.68 -14.82
CA SER A 195 6.13 12.73 -14.82
C SER A 195 7.45 12.95 -15.53
N SER A 196 8.45 13.40 -14.78
CA SER A 196 9.78 13.67 -15.32
CA SER A 196 9.77 13.67 -15.34
C SER A 196 10.54 12.38 -15.65
N ASN A 197 10.41 11.39 -14.77
CA ASN A 197 11.27 10.19 -14.81
C ASN A 197 10.59 8.86 -15.05
N ASN A 198 9.27 8.80 -14.90
CA ASN A 198 8.55 7.55 -15.08
C ASN A 198 7.77 7.57 -16.40
N ALA A 199 8.24 6.78 -17.36
CA ALA A 199 7.72 6.79 -18.73
C ALA A 199 6.22 6.49 -18.82
N ASN A 200 5.70 5.79 -17.81
CA ASN A 200 4.30 5.36 -17.83
C ASN A 200 3.32 6.27 -17.10
N THR A 201 3.82 7.30 -16.43
CA THR A 201 2.98 7.98 -15.44
C THR A 201 2.89 9.49 -15.59
N GLY A 202 1.87 10.05 -14.96
CA GLY A 202 1.70 11.49 -14.85
C GLY A 202 0.89 11.81 -13.61
N ILE A 203 0.48 13.06 -13.51
CA ILE A 203 -0.32 13.57 -12.40
C ILE A 203 -1.47 14.36 -13.02
N GLY A 204 -2.70 14.08 -12.59
CA GLY A 204 -3.87 14.78 -13.09
C GLY A 204 -4.48 15.78 -12.13
N GLY A 205 -5.55 16.43 -12.57
CA GLY A 205 -6.21 17.46 -11.78
C GLY A 205 -6.99 16.95 -10.58
N HIS A 206 -7.28 15.65 -10.55
CA HIS A 206 -8.02 15.02 -9.45
C HIS A 206 -7.17 14.03 -8.70
N GLY A 207 -7.48 13.87 -7.41
CA GLY A 207 -6.90 12.82 -6.58
C GLY A 207 -7.99 12.06 -5.85
N SER A 208 -7.59 10.97 -5.19
CA SER A 208 -8.53 10.10 -4.50
C SER A 208 -8.09 9.81 -3.07
N CYS A 209 -8.77 10.44 -2.13
CA CYS A 209 -8.39 10.40 -0.71
C CYS A 209 -9.14 9.35 0.07
N CYS A 210 -8.46 8.71 1.03
CA CYS A 210 -9.12 7.98 2.11
C CYS A 210 -8.16 7.56 3.20
N SER A 211 -8.74 7.15 4.33
CA SER A 211 -7.98 6.64 5.47
C SER A 211 -7.16 5.43 5.08
N GLU A 212 -6.00 5.31 5.70
CA GLU A 212 -5.04 4.28 5.32
C GLU A 212 -4.35 3.70 6.54
N MET A 213 -4.37 2.38 6.67
CA MET A 213 -3.64 1.71 7.74
C MET A 213 -2.48 0.92 7.16
N ASP A 214 -1.26 1.44 7.29
CA ASP A 214 -0.10 0.75 6.75
C ASP A 214 0.42 -0.23 7.76
N ILE A 215 -0.06 -1.47 7.67
CA ILE A 215 0.39 -2.51 8.57
CA ILE A 215 0.38 -2.55 8.55
C ILE A 215 1.88 -2.80 8.32
N TRP A 216 2.27 -2.81 7.05
CA TRP A 216 3.58 -3.26 6.68
C TRP A 216 4.09 -2.52 5.49
N GLN A 217 5.17 -1.76 5.71
CA GLN A 217 5.94 -1.14 4.63
CA GLN A 217 5.93 -1.11 4.64
C GLN A 217 7.36 -1.54 4.89
N ALA A 218 7.94 -2.33 3.98
CA ALA A 218 9.21 -2.94 4.34
C ALA A 218 10.03 -3.48 3.19
N ASN A 219 11.32 -3.61 3.47
CA ASN A 219 12.23 -4.41 2.67
C ASN A 219 13.11 -5.20 3.64
N SER A 220 14.22 -5.75 3.17
CA SER A 220 15.11 -6.53 4.05
C SER A 220 15.88 -5.68 5.06
N ILE A 221 15.80 -4.35 4.91
CA ILE A 221 16.57 -3.42 5.75
C ILE A 221 15.72 -2.72 6.81
N SER A 222 14.53 -2.27 6.43
CA SER A 222 13.68 -1.48 7.31
C SER A 222 12.22 -1.86 7.19
N GLU A 223 11.46 -1.60 8.25
CA GLU A 223 10.02 -1.83 8.27
C GLU A 223 9.32 -0.78 9.11
N ALA A 224 8.11 -0.42 8.70
CA ALA A 224 7.33 0.60 9.41
C ALA A 224 5.86 0.22 9.48
N LEU A 225 5.23 0.69 10.56
CA LEU A 225 3.81 0.49 10.86
C LEU A 225 3.23 1.89 11.02
N THR A 226 2.20 2.24 10.24
CA THR A 226 1.76 3.63 10.14
C THR A 226 0.27 3.84 9.86
N PRO A 227 -0.50 4.31 10.86
CA PRO A 227 -1.87 4.76 10.59
C PRO A 227 -1.91 6.20 10.04
N HIS A 228 -2.85 6.43 9.12
CA HIS A 228 -3.06 7.75 8.51
C HIS A 228 -4.50 8.14 8.59
N PRO A 229 -4.85 9.16 9.41
CA PRO A 229 -6.22 9.65 9.44
C PRO A 229 -6.53 10.63 8.30
N CYS A 230 -7.80 10.70 7.93
CA CYS A 230 -8.30 11.73 7.02
C CYS A 230 -9.57 12.31 7.63
N THR A 231 -9.85 13.58 7.33
CA THR A 231 -11.04 14.24 7.88
C THR A 231 -12.33 13.73 7.24
N THR A 232 -12.24 13.20 6.01
CA THR A 232 -13.28 12.34 5.47
C THR A 232 -12.74 10.92 5.53
N VAL A 233 -13.48 10.02 6.18
CA VAL A 233 -12.95 8.70 6.47
C VAL A 233 -12.78 7.87 5.20
N GLY A 234 -13.81 7.84 4.36
CA GLY A 234 -13.83 7.02 3.16
C GLY A 234 -13.37 7.74 1.91
N GLN A 235 -13.52 7.06 0.79
CA GLN A 235 -13.05 7.58 -0.49
C GLN A 235 -13.72 8.90 -0.84
N GLU A 236 -12.89 9.88 -1.23
CA GLU A 236 -13.38 11.18 -1.63
C GLU A 236 -12.41 11.80 -2.62
N ILE A 237 -12.94 12.37 -3.68
CA ILE A 237 -12.16 13.07 -4.70
C ILE A 237 -11.61 14.37 -4.11
N CYS A 238 -10.46 14.80 -4.63
CA CYS A 238 -9.87 16.08 -4.25
C CYS A 238 -9.43 16.81 -5.52
N GLU A 239 -9.28 18.12 -5.38
CA GLU A 239 -8.96 19.00 -6.50
C GLU A 239 -7.52 19.52 -6.46
N GLY A 240 -6.72 19.14 -7.46
CA GLY A 240 -5.39 19.71 -7.64
C GLY A 240 -4.51 19.67 -6.40
N ASP A 241 -3.84 20.79 -6.12
CA ASP A 241 -2.93 20.87 -4.98
C ASP A 241 -3.63 20.78 -3.62
N GLY A 242 -4.95 20.98 -3.63
CA GLY A 242 -5.78 20.75 -2.44
C GLY A 242 -5.73 19.29 -1.98
N CYS A 243 -5.23 18.42 -2.85
CA CYS A 243 -5.06 17.00 -2.52
C CYS A 243 -3.94 16.76 -1.53
N GLY A 244 -2.94 17.65 -1.53
CA GLY A 244 -1.71 17.39 -0.79
C GLY A 244 -1.06 16.09 -1.26
N GLY A 245 -0.34 15.45 -0.35
CA GLY A 245 0.30 14.16 -0.64
C GLY A 245 1.49 14.19 -1.60
N THR A 246 1.98 13.01 -1.93
CA THR A 246 3.16 12.82 -2.79
C THR A 246 3.07 13.54 -4.14
N TYR A 247 1.87 13.60 -4.71
CA TYR A 247 1.69 14.09 -6.08
C TYR A 247 1.31 15.58 -6.18
N SER A 248 1.44 16.31 -5.07
CA SER A 248 1.24 17.76 -5.03
C SER A 248 2.50 18.47 -4.55
N ASP A 249 2.70 19.71 -4.98
CA ASP A 249 3.84 20.52 -4.53
C ASP A 249 3.81 20.76 -3.02
N ASN A 250 2.61 21.06 -2.49
CA ASN A 250 2.40 21.18 -1.06
C ASN A 250 1.75 19.89 -0.56
N ARG A 251 2.47 19.11 0.23
CA ARG A 251 2.00 17.78 0.64
C ARG A 251 0.90 17.84 1.71
N TYR A 252 0.74 18.98 2.36
CA TYR A 252 -0.30 19.15 3.37
C TYR A 252 -1.50 19.92 2.79
N GLY A 253 -2.36 19.19 2.08
CA GLY A 253 -3.51 19.78 1.42
C GLY A 253 -4.79 19.46 2.15
N GLY A 254 -4.71 19.47 3.48
CA GLY A 254 -5.89 19.16 4.25
C GLY A 254 -6.30 17.73 4.03
N THR A 255 -7.61 17.52 3.95
CA THR A 255 -8.28 16.25 4.29
C THR A 255 -7.44 15.07 4.84
N CYS A 256 -6.37 14.65 4.16
CA CYS A 256 -5.60 13.48 4.63
C CYS A 256 -4.24 13.83 5.22
N ASP A 257 -3.77 12.97 6.12
CA ASP A 257 -2.44 13.06 6.66
C ASP A 257 -1.53 12.11 5.88
N PRO A 258 -0.63 12.66 5.04
CA PRO A 258 0.21 11.79 4.22
C PRO A 258 1.44 11.23 4.93
N ASP A 259 1.70 11.72 6.15
CA ASP A 259 2.88 11.29 6.90
C ASP A 259 2.54 10.14 7.81
N GLY A 260 1.44 10.27 8.55
CA GLY A 260 1.02 9.27 9.50
C GLY A 260 1.79 9.30 10.80
N CYS A 261 1.36 8.49 11.75
CA CYS A 261 2.09 8.29 12.98
C CYS A 261 2.87 6.99 12.76
N ASP A 262 4.09 7.12 12.26
CA ASP A 262 4.86 5.95 11.85
C ASP A 262 5.67 5.37 12.98
N TRP A 263 5.77 4.05 13.00
CA TRP A 263 6.63 3.35 13.94
C TRP A 263 7.57 2.47 13.18
N ASN A 264 8.83 2.91 13.10
CA ASN A 264 9.92 2.16 12.48
C ASN A 264 10.93 1.93 13.60
N PRO A 265 11.14 0.65 14.00
CA PRO A 265 11.98 0.43 15.19
C PRO A 265 13.41 0.98 15.04
N TYR A 266 13.96 0.94 13.82
CA TYR A 266 15.28 1.50 13.54
C TYR A 266 15.28 3.01 13.76
N ARG A 267 14.28 3.69 13.24
CA ARG A 267 14.13 5.14 13.39
C ARG A 267 14.04 5.54 14.86
N LEU A 268 13.42 4.68 15.66
CA LEU A 268 13.23 4.95 17.09
C LEU A 268 14.44 4.57 17.94
N GLY A 269 15.47 4.02 17.31
CA GLY A 269 16.74 3.79 18.00
C GLY A 269 17.22 2.36 18.10
N ASN A 270 16.31 1.41 17.85
CA ASN A 270 16.71 0.02 17.91
C ASN A 270 17.20 -0.45 16.55
N THR A 271 18.51 -0.30 16.33
CA THR A 271 19.10 -0.59 15.03
C THR A 271 19.50 -2.06 14.88
N SER A 272 19.24 -2.87 15.90
CA SER A 272 19.61 -4.28 15.92
CA SER A 272 19.61 -4.29 15.83
C SER A 272 18.40 -5.22 15.85
N PHE A 273 17.21 -4.66 15.71
CA PHE A 273 16.00 -5.46 15.78
C PHE A 273 15.66 -6.21 14.50
N TYR A 274 15.86 -5.57 13.36
CA TYR A 274 15.32 -6.07 12.10
C TYR A 274 16.35 -5.86 11.01
N GLY A 275 16.82 -6.95 10.42
CA GLY A 275 17.82 -6.84 9.35
C GLY A 275 18.30 -8.19 8.90
N PRO A 276 19.17 -8.19 7.87
CA PRO A 276 19.63 -9.45 7.29
C PRO A 276 20.66 -10.17 8.13
N GLY A 277 20.37 -11.40 8.49
CA GLY A 277 21.36 -12.25 9.15
C GLY A 277 21.20 -12.36 10.65
N SER A 278 22.10 -13.11 11.26
CA SER A 278 21.97 -13.50 12.66
C SER A 278 22.37 -12.40 13.66
N SER A 279 22.82 -11.24 13.18
CA SER A 279 23.13 -10.13 14.07
C SER A 279 21.89 -9.32 14.47
N PHE A 280 20.75 -9.67 13.91
CA PHE A 280 19.49 -8.96 14.18
C PHE A 280 18.52 -9.86 14.94
N THR A 281 17.65 -9.24 15.73
CA THR A 281 16.65 -10.00 16.49
C THR A 281 15.77 -10.80 15.52
N LEU A 282 15.30 -10.12 14.47
CA LEU A 282 14.57 -10.75 13.38
C LEU A 282 15.46 -10.75 12.15
N ASP A 283 15.70 -11.95 11.63
CA ASP A 283 16.59 -12.17 10.50
C ASP A 283 15.78 -12.09 9.22
N THR A 284 15.99 -11.03 8.45
CA THR A 284 15.17 -10.78 7.26
C THR A 284 15.54 -11.65 6.05
N THR A 285 16.54 -12.52 6.20
CA THR A 285 16.80 -13.52 5.16
C THR A 285 15.81 -14.67 5.26
N LYS A 286 15.05 -14.73 6.36
CA LYS A 286 14.11 -15.80 6.62
C LYS A 286 12.69 -15.27 6.78
N LYS A 287 11.72 -16.14 6.50
CA LYS A 287 10.31 -15.78 6.66
CA LYS A 287 10.30 -15.82 6.68
C LYS A 287 10.03 -15.36 8.10
N LEU A 288 9.09 -14.44 8.26
CA LEU A 288 8.69 -14.00 9.59
CA LEU A 288 8.73 -13.83 9.53
C LEU A 288 7.20 -13.76 9.65
N THR A 289 6.66 -13.91 10.86
CA THR A 289 5.25 -13.70 11.11
C THR A 289 5.07 -12.35 11.79
N VAL A 290 4.10 -11.57 11.32
CA VAL A 290 3.83 -10.22 11.80
C VAL A 290 2.37 -10.16 12.21
N VAL A 291 2.13 -9.84 13.49
CA VAL A 291 0.77 -9.77 14.03
C VAL A 291 0.48 -8.35 14.52
N THR A 292 -0.67 -7.83 14.13
CA THR A 292 -1.02 -6.44 14.42
C THR A 292 -2.43 -6.41 14.99
N GLN A 293 -2.56 -5.81 16.17
CA GLN A 293 -3.78 -5.89 16.97
C GLN A 293 -4.35 -4.50 17.19
N PHE A 294 -5.65 -4.37 16.96
CA PHE A 294 -6.32 -3.07 17.02
C PHE A 294 -7.26 -3.01 18.20
N GLU A 295 -6.71 -2.67 19.36
CA GLU A 295 -7.54 -2.64 20.57
C GLU A 295 -8.57 -1.52 20.49
N THR A 296 -9.67 -1.69 21.21
CA THR A 296 -10.79 -0.76 21.04
C THR A 296 -10.49 0.67 21.52
N SER A 297 -9.43 0.85 22.29
CA SER A 297 -9.01 2.20 22.68
C SER A 297 -8.58 3.02 21.47
N GLY A 298 -8.23 2.34 20.38
CA GLY A 298 -7.70 3.00 19.19
C GLY A 298 -6.19 2.86 19.07
N ALA A 299 -5.54 2.30 20.10
CA ALA A 299 -4.11 2.04 20.04
C ALA A 299 -3.82 0.78 19.24
N ILE A 300 -2.58 0.64 18.80
CA ILE A 300 -2.18 -0.49 17.97
C ILE A 300 -1.02 -1.22 18.63
N ASN A 301 -1.18 -2.53 18.78
CA ASN A 301 -0.14 -3.39 19.31
C ASN A 301 0.42 -4.33 18.25
N ARG A 302 1.64 -4.77 18.47
CA ARG A 302 2.36 -5.51 17.44
C ARG A 302 3.29 -6.52 18.09
N TYR A 303 3.27 -7.73 17.58
CA TYR A 303 4.32 -8.67 17.90
C TYR A 303 4.73 -9.45 16.66
N TYR A 304 5.89 -10.11 16.76
CA TYR A 304 6.47 -10.86 15.66
C TYR A 304 6.81 -12.25 16.15
N VAL A 305 6.81 -13.21 15.24
CA VAL A 305 7.25 -14.57 15.55
C VAL A 305 8.21 -15.02 14.45
N GLN A 306 9.36 -15.56 14.84
CA GLN A 306 10.26 -16.18 13.89
C GLN A 306 10.90 -17.39 14.56
N ASN A 307 10.84 -18.54 13.88
CA ASN A 307 11.37 -19.80 14.40
C ASN A 307 10.81 -20.13 15.79
N GLY A 308 9.52 -19.83 15.99
CA GLY A 308 8.85 -20.13 17.25
C GLY A 308 9.17 -19.21 18.41
N VAL A 309 9.96 -18.17 18.17
CA VAL A 309 10.30 -17.18 19.21
C VAL A 309 9.48 -15.91 18.96
N THR A 310 8.86 -15.42 20.03
CA THR A 310 7.96 -14.28 19.98
C THR A 310 8.64 -13.02 20.53
N PHE A 311 8.46 -11.91 19.80
CA PHE A 311 8.97 -10.60 20.20
C PHE A 311 7.87 -9.58 20.06
N GLN A 312 7.54 -8.90 21.15
CA GLN A 312 6.71 -7.71 21.06
C GLN A 312 7.47 -6.66 20.26
N GLN A 313 6.74 -5.74 19.63
CA GLN A 313 7.34 -4.52 19.14
C GLN A 313 8.34 -4.02 20.17
N PRO A 314 9.58 -3.69 19.76
CA PRO A 314 10.56 -3.24 20.76
C PRO A 314 10.14 -1.94 21.44
N ASN A 315 10.51 -1.82 22.71
CA ASN A 315 10.28 -0.59 23.44
C ASN A 315 11.02 0.59 22.82
N ALA A 316 10.37 1.74 22.86
CA ALA A 316 10.98 2.99 22.43
C ALA A 316 10.75 4.03 23.51
N GLU A 317 11.71 4.94 23.63
CA GLU A 317 11.58 6.08 24.53
C GLU A 317 11.75 7.33 23.69
N LEU A 318 10.76 8.22 23.76
CA LEU A 318 10.73 9.40 22.92
C LEU A 318 10.04 10.50 23.71
N GLY A 319 10.79 11.52 24.11
CA GLY A 319 10.27 12.54 25.00
C GLY A 319 9.77 11.86 26.26
N SER A 320 8.51 12.13 26.63
CA SER A 320 7.90 11.53 27.81
C SER A 320 7.21 10.18 27.52
N TYR A 321 7.23 9.76 26.26
CA TYR A 321 6.67 8.46 25.91
C TYR A 321 7.67 7.34 26.19
N SER A 322 7.18 6.26 26.79
CA SER A 322 7.97 5.04 26.93
C SER A 322 7.06 3.84 26.78
N GLY A 323 7.38 2.93 25.86
CA GLY A 323 6.61 1.71 25.70
C GLY A 323 6.73 1.13 24.32
N ASN A 324 5.82 0.22 23.99
CA ASN A 324 5.82 -0.41 22.67
C ASN A 324 4.45 -0.43 21.99
N GLU A 325 3.48 0.25 22.59
CA GLU A 325 2.16 0.37 22.02
C GLU A 325 2.07 1.68 21.23
N LEU A 326 1.55 1.61 20.01
CA LEU A 326 1.33 2.79 19.21
C LEU A 326 0.02 3.43 19.68
N ASN A 327 0.14 4.44 20.55
CA ASN A 327 -1.01 5.11 21.12
C ASN A 327 -0.89 6.63 20.95
N ASP A 328 -1.89 7.39 21.41
CA ASP A 328 -1.91 8.86 21.36
CA ASP A 328 -1.82 8.83 21.21
C ASP A 328 -0.62 9.47 21.92
N ASP A 329 -0.19 8.91 23.04
CA ASP A 329 1.01 9.40 23.72
C ASP A 329 2.23 9.26 22.82
N TYR A 330 2.36 8.11 22.15
CA TYR A 330 3.44 7.94 21.20
C TYR A 330 3.37 8.97 20.06
N CYS A 331 2.20 9.09 19.45
CA CYS A 331 2.08 9.93 18.26
C CYS A 331 2.34 11.38 18.59
N THR A 332 1.90 11.81 19.77
CA THR A 332 2.12 13.18 20.23
C THR A 332 3.59 13.41 20.54
N ALA A 333 4.21 12.45 21.21
CA ALA A 333 5.65 12.51 21.48
C ALA A 333 6.46 12.52 20.18
N GLU A 334 6.02 11.74 19.19
CA GLU A 334 6.75 11.69 17.92
C GLU A 334 6.73 13.04 17.21
N GLU A 335 5.56 13.67 17.15
CA GLU A 335 5.46 15.01 16.58
C GLU A 335 6.35 16.01 17.34
N ALA A 336 6.37 15.90 18.67
CA ALA A 336 7.20 16.79 19.48
C ALA A 336 8.69 16.62 19.21
N GLU A 337 9.14 15.37 19.05
CA GLU A 337 10.58 15.09 18.95
CA GLU A 337 10.57 15.04 18.95
C GLU A 337 11.10 15.07 17.52
N PHE A 338 10.31 14.56 16.57
CA PHE A 338 10.74 14.51 15.18
C PHE A 338 10.24 15.72 14.36
N GLY A 339 9.14 16.32 14.81
CA GLY A 339 8.56 17.44 14.10
C GLY A 339 7.30 17.05 13.35
N GLY A 340 6.57 18.06 12.88
CA GLY A 340 5.35 17.85 12.10
C GLY A 340 4.07 17.98 12.92
N SER A 341 2.97 18.23 12.23
CA SER A 341 1.67 18.38 12.89
C SER A 341 0.54 17.74 12.09
N SER A 342 0.88 17.05 10.99
CA SER A 342 -0.13 16.52 10.06
C SER A 342 -1.04 15.48 10.71
N PHE A 343 -0.45 14.52 11.43
CA PHE A 343 -1.22 13.47 12.10
C PHE A 343 -2.23 14.04 13.09
N SER A 344 -1.77 14.94 13.96
CA SER A 344 -2.67 15.56 14.93
C SER A 344 -3.67 16.53 14.29
N ASP A 345 -3.23 17.26 13.27
CA ASP A 345 -4.12 18.16 12.54
C ASP A 345 -5.31 17.42 11.95
N LYS A 346 -5.07 16.19 11.51
CA LYS A 346 -6.12 15.36 10.89
C LYS A 346 -6.93 14.53 11.89
N GLY A 347 -6.66 14.71 13.18
CA GLY A 347 -7.46 14.11 14.24
C GLY A 347 -6.86 12.92 14.95
N GLY A 348 -5.62 12.59 14.62
CA GLY A 348 -4.89 11.52 15.30
C GLY A 348 -5.57 10.17 15.31
N LEU A 349 -5.33 9.39 16.36
CA LEU A 349 -5.88 8.04 16.46
C LEU A 349 -7.40 8.02 16.66
N THR A 350 -7.95 9.11 17.20
CA THR A 350 -9.39 9.20 17.39
C THR A 350 -10.10 9.24 16.03
N GLN A 351 -9.58 10.06 15.13
CA GLN A 351 -10.12 10.12 13.77
C GLN A 351 -9.83 8.83 13.02
N PHE A 352 -8.64 8.27 13.24
CA PHE A 352 -8.28 7.03 12.60
C PHE A 352 -9.17 5.87 13.01
N LYS A 353 -9.61 5.86 14.27
CA LYS A 353 -10.52 4.83 14.78
C LYS A 353 -11.83 4.76 14.00
N LYS A 354 -12.24 5.87 13.40
CA LYS A 354 -13.42 5.84 12.54
C LYS A 354 -13.22 4.96 11.32
N ALA A 355 -11.99 4.91 10.81
CA ALA A 355 -11.69 4.03 9.68
C ALA A 355 -11.70 2.56 10.09
N THR A 356 -11.01 2.23 11.19
CA THR A 356 -10.91 0.84 11.64
C THR A 356 -12.22 0.30 12.19
N SER A 357 -13.12 1.20 12.60
CA SER A 357 -14.47 0.81 13.04
C SER A 357 -15.36 0.43 11.86
N GLY A 358 -15.02 0.93 10.67
CA GLY A 358 -15.73 0.60 9.45
C GLY A 358 -15.00 -0.45 8.65
N GLY A 359 -15.41 -0.66 7.40
CA GLY A 359 -14.75 -1.61 6.53
C GLY A 359 -13.57 -1.01 5.81
N MET A 360 -12.50 -1.81 5.69
CA MET A 360 -11.33 -1.44 4.87
C MET A 360 -10.94 -2.60 3.98
N VAL A 361 -10.33 -2.25 2.85
CA VAL A 361 -9.91 -3.22 1.84
C VAL A 361 -8.42 -3.52 2.00
N LEU A 362 -8.05 -4.79 1.89
CA LEU A 362 -6.68 -5.23 1.98
C LEU A 362 -5.95 -5.03 0.66
N VAL A 363 -4.81 -4.35 0.75
CA VAL A 363 -3.94 -4.05 -0.38
C VAL A 363 -2.59 -4.70 -0.15
N MET A 364 -2.06 -5.34 -1.19
CA MET A 364 -0.68 -5.82 -1.19
C MET A 364 0.02 -5.28 -2.43
N SER A 365 1.19 -4.68 -2.24
CA SER A 365 1.89 -4.05 -3.34
C SER A 365 3.39 -4.26 -3.26
N LEU A 366 4.05 -4.04 -4.40
CA LEU A 366 5.50 -3.98 -4.47
C LEU A 366 5.84 -2.79 -5.36
N TRP A 367 6.63 -1.87 -4.82
CA TRP A 367 6.93 -0.65 -5.54
C TRP A 367 8.29 -0.09 -5.25
N ASP A 368 8.77 0.72 -6.20
CA ASP A 368 9.88 1.63 -5.95
C ASP A 368 9.36 3.05 -6.10
N ASP A 369 10.18 4.03 -5.69
CA ASP A 369 9.69 5.34 -5.33
C ASP A 369 10.35 6.42 -6.18
N TYR A 370 9.63 6.94 -7.16
CA TYR A 370 10.19 7.97 -8.04
CA TYR A 370 10.18 7.97 -8.05
C TYR A 370 10.32 9.32 -7.35
N TYR A 371 9.56 9.53 -6.29
CA TYR A 371 9.58 10.83 -5.68
C TYR A 371 10.66 10.99 -4.59
N ALA A 372 10.95 9.93 -3.83
CA ALA A 372 11.94 10.04 -2.76
C ALA A 372 12.85 8.82 -2.60
N ASN A 373 12.85 7.93 -3.59
CA ASN A 373 13.79 6.80 -3.63
C ASN A 373 13.70 5.88 -2.40
N MET A 374 12.56 5.91 -1.72
CA MET A 374 12.32 5.10 -0.51
C MET A 374 13.22 5.47 0.67
N LEU A 375 13.86 6.63 0.59
CA LEU A 375 14.83 7.04 1.62
C LEU A 375 14.19 7.27 2.98
N TRP A 376 12.93 7.69 2.96
CA TRP A 376 12.14 7.89 4.17
C TRP A 376 11.92 6.61 4.94
N LEU A 377 12.05 5.47 4.26
CA LEU A 377 11.86 4.17 4.90
C LEU A 377 13.17 3.58 5.39
N ASP A 378 14.22 3.65 4.58
CA ASP A 378 15.39 2.81 4.83
C ASP A 378 16.74 3.55 4.85
N SER A 379 16.72 4.88 4.79
CA SER A 379 17.95 5.64 4.72
C SER A 379 17.91 6.82 5.69
N THR A 380 18.69 7.86 5.39
CA THR A 380 18.66 9.10 6.14
C THR A 380 17.90 10.12 5.31
N TYR A 381 16.90 10.75 5.90
CA TYR A 381 15.99 11.58 5.14
C TYR A 381 15.45 12.73 5.98
N PRO A 382 15.48 13.97 5.44
CA PRO A 382 16.15 14.37 4.18
C PRO A 382 17.65 14.06 4.22
N THR A 383 18.26 13.95 3.04
CA THR A 383 19.61 13.40 2.94
C THR A 383 20.72 14.31 3.43
N ASN A 384 20.42 15.59 3.65
CA ASN A 384 21.39 16.52 4.21
C ASN A 384 21.43 16.48 5.74
N GLU A 385 20.50 15.74 6.34
CA GLU A 385 20.48 15.58 7.79
C GLU A 385 21.52 14.55 8.24
N THR A 386 21.88 14.60 9.51
CA THR A 386 22.77 13.59 10.08
C THR A 386 22.06 12.87 11.22
N SER A 387 22.75 11.92 11.85
CA SER A 387 22.21 11.16 12.97
C SER A 387 21.86 12.04 14.18
N SER A 388 22.36 13.28 14.20
CA SER A 388 22.07 14.22 15.29
CA SER A 388 22.07 14.22 15.29
C SER A 388 20.67 14.81 15.17
N THR A 389 20.08 14.74 13.98
CA THR A 389 18.72 15.19 13.75
C THR A 389 17.77 14.07 14.18
N PRO A 390 16.92 14.33 15.19
CA PRO A 390 16.01 13.30 15.69
C PRO A 390 15.12 12.74 14.58
N GLY A 391 15.17 11.41 14.42
CA GLY A 391 14.33 10.71 13.45
C GLY A 391 14.83 10.72 12.00
N ALA A 392 15.97 11.36 11.75
CA ALA A 392 16.47 11.45 10.38
C ALA A 392 16.88 10.10 9.81
N VAL A 393 17.51 9.26 10.64
CA VAL A 393 18.02 7.98 10.18
C VAL A 393 16.97 6.90 10.41
N ARG A 394 16.49 6.33 9.30
CA ARG A 394 15.43 5.33 9.34
C ARG A 394 15.91 3.92 8.98
N GLY A 395 17.12 3.83 8.44
CA GLY A 395 17.73 2.56 8.08
C GLY A 395 19.17 2.76 7.64
N SER A 396 19.83 1.67 7.29
CA SER A 396 21.26 1.68 6.98
C SER A 396 21.58 1.89 5.50
N CYS A 397 20.56 2.05 4.66
CA CYS A 397 20.78 2.24 3.23
C CYS A 397 21.44 3.58 2.95
N SER A 398 22.32 3.61 1.95
CA SER A 398 22.93 4.85 1.50
C SER A 398 21.88 5.87 1.06
N THR A 399 22.17 7.14 1.28
CA THR A 399 21.31 8.21 0.80
C THR A 399 21.27 8.27 -0.72
N SER A 400 22.16 7.52 -1.37
CA SER A 400 22.22 7.42 -2.83
C SER A 400 21.38 6.26 -3.39
N SER A 401 20.78 5.47 -2.50
CA SER A 401 20.08 4.24 -2.89
C SER A 401 18.69 4.50 -3.46
N GLY A 402 18.15 3.47 -4.09
CA GLY A 402 16.74 3.48 -4.48
C GLY A 402 16.35 4.26 -5.73
N VAL A 403 17.31 4.68 -6.55
CA VAL A 403 16.96 5.28 -7.84
C VAL A 403 16.20 4.22 -8.65
N PRO A 404 14.94 4.50 -9.01
CA PRO A 404 14.14 3.45 -9.65
C PRO A 404 14.80 2.79 -10.87
N ALA A 405 15.33 3.56 -11.81
CA ALA A 405 15.94 2.95 -12.99
C ALA A 405 17.13 2.07 -12.61
N GLN A 406 17.84 2.47 -11.57
CA GLN A 406 19.01 1.73 -11.12
C GLN A 406 18.62 0.42 -10.43
N VAL A 407 17.69 0.48 -9.48
CA VAL A 407 17.29 -0.74 -8.79
C VAL A 407 16.54 -1.70 -9.72
N GLU A 408 15.82 -1.16 -10.70
CA GLU A 408 15.14 -2.01 -11.68
C GLU A 408 16.13 -2.75 -12.59
N SER A 409 17.24 -2.07 -12.93
CA SER A 409 18.29 -2.66 -13.75
CA SER A 409 18.28 -2.67 -13.75
C SER A 409 19.11 -3.68 -12.96
N GLN A 410 19.37 -3.35 -11.70
CA GLN A 410 20.25 -4.17 -10.85
C GLN A 410 19.56 -5.33 -10.16
N SER A 411 18.30 -5.11 -9.78
CA SER A 411 17.56 -6.11 -9.00
C SER A 411 16.23 -6.52 -9.62
N PRO A 412 16.22 -6.84 -10.93
CA PRO A 412 14.91 -7.12 -11.54
C PRO A 412 14.20 -8.35 -10.97
N ASN A 413 14.97 -9.28 -10.40
CA ASN A 413 14.41 -10.52 -9.86
C ASN A 413 14.02 -10.42 -8.40
N ALA A 414 14.11 -9.20 -7.85
CA ALA A 414 13.57 -8.95 -6.52
C ALA A 414 12.09 -9.34 -6.49
N LYS A 415 11.61 -9.70 -5.31
CA LYS A 415 10.21 -10.11 -5.13
CA LYS A 415 10.22 -10.12 -5.14
C LYS A 415 9.83 -10.06 -3.67
N VAL A 416 8.52 -10.07 -3.42
CA VAL A 416 7.99 -10.21 -2.07
C VAL A 416 6.97 -11.35 -2.09
N THR A 417 6.93 -12.11 -1.01
CA THR A 417 5.91 -13.14 -0.83
C THR A 417 5.18 -12.92 0.49
N PHE A 418 3.88 -12.72 0.37
CA PHE A 418 2.99 -12.64 1.52
C PHE A 418 2.22 -13.94 1.60
N SER A 419 2.06 -14.48 2.80
CA SER A 419 1.35 -15.75 2.93
C SER A 419 0.69 -15.92 4.29
N ASN A 420 -0.16 -16.94 4.38
CA ASN A 420 -0.83 -17.32 5.61
CA ASN A 420 -0.79 -17.32 5.64
C ASN A 420 -1.52 -16.16 6.33
N ILE A 421 -2.35 -15.44 5.59
CA ILE A 421 -3.14 -14.37 6.18
C ILE A 421 -4.16 -14.97 7.15
N LYS A 422 -4.22 -14.44 8.36
CA LYS A 422 -5.18 -14.87 9.37
C LYS A 422 -5.76 -13.64 10.03
N PHE A 423 -7.09 -13.62 10.19
CA PHE A 423 -7.79 -12.46 10.71
C PHE A 423 -8.88 -12.90 11.67
N GLY A 424 -8.99 -12.21 12.79
CA GLY A 424 -10.06 -12.51 13.75
C GLY A 424 -9.90 -11.70 15.00
N PRO A 425 -10.68 -12.02 16.04
CA PRO A 425 -10.56 -11.31 17.31
C PRO A 425 -9.14 -11.32 17.85
N ILE A 426 -8.79 -10.24 18.56
CA ILE A 426 -7.50 -10.19 19.25
C ILE A 426 -7.32 -11.48 20.06
N GLY A 427 -6.13 -12.07 19.95
CA GLY A 427 -5.80 -13.29 20.65
C GLY A 427 -6.13 -14.59 19.94
N SER A 428 -6.75 -14.49 18.76
CA SER A 428 -7.29 -15.68 18.08
C SER A 428 -6.44 -16.24 16.94
N THR A 429 -5.55 -15.44 16.36
CA THR A 429 -4.94 -15.87 15.09
C THR A 429 -3.76 -16.83 15.22
N GLY A 430 -3.28 -17.04 16.45
CA GLY A 430 -2.21 -18.02 16.67
C GLY A 430 -2.71 -19.44 16.83
N ASN A 431 -4.03 -19.61 16.84
CA ASN A 431 -4.64 -20.92 16.98
C ASN A 431 -4.61 -21.69 15.65
N PRO A 432 -4.83 -23.03 15.68
CA PRO A 432 -4.64 -23.82 14.47
C PRO A 432 -5.53 -23.39 13.29
N SER A 433 -4.92 -23.29 12.11
CA SER A 433 -5.67 -23.03 10.88
C SER A 433 -6.58 -24.20 10.54
N GLY A 434 -7.69 -23.90 9.86
CA GLY A 434 -8.62 -24.92 9.40
C GLY A 434 -8.28 -25.40 8.01
#